data_1TER
#
_entry.id   1TER
#
_cell.length_a   1.000
_cell.length_b   1.000
_cell.length_c   1.000
_cell.angle_alpha   90.00
_cell.angle_beta   90.00
_cell.angle_gamma   90.00
#
_symmetry.space_group_name_H-M   'P 1'
#
_entity_poly.entity_id   1
_entity_poly.type   'polypeptide(L)'
_entity_poly.pdbx_seq_one_letter_code
;ALCNCNRIIIPHMCWKKCGKK(NH2)
;
_entity_poly.pdbx_strand_id   A
#
# COMPACT_ATOMS: atom_id res chain seq x y z
N ALA A 1 -7.60 -3.60 -7.69
CA ALA A 1 -8.37 -3.24 -6.49
C ALA A 1 -7.62 -2.19 -5.69
N LEU A 2 -8.03 -2.02 -4.43
CA LEU A 2 -7.63 -0.88 -3.63
C LEU A 2 -6.98 -1.38 -2.31
N CYS A 3 -6.56 -0.41 -1.50
CA CYS A 3 -5.31 -0.50 -0.72
C CYS A 3 -5.30 -1.73 0.19
N ASN A 4 -4.54 -2.73 -0.23
CA ASN A 4 -3.96 -3.70 0.71
C ASN A 4 -2.75 -3.04 1.39
N CYS A 5 -3.02 -2.45 2.57
CA CYS A 5 -1.95 -2.30 3.58
C CYS A 5 -1.66 -3.65 4.23
N ASN A 6 -2.21 -4.69 3.56
CA ASN A 6 -1.94 -6.06 4.02
C ASN A 6 -1.36 -6.91 2.92
N ARG A 7 -1.22 -6.33 1.74
CA ARG A 7 -0.20 -6.80 0.76
C ARG A 7 0.88 -5.71 0.68
N ILE A 8 2.13 -6.23 0.65
CA ILE A 8 3.29 -5.43 0.95
C ILE A 8 4.27 -5.42 -0.23
N ILE A 9 3.72 -5.65 -1.43
CA ILE A 9 4.19 -4.93 -2.63
C ILE A 9 3.13 -3.91 -3.01
N ILE A 10 2.98 -2.93 -2.11
CA ILE A 10 1.85 -2.00 -2.13
C ILE A 10 1.74 -1.31 -3.46
N PRO A 11 0.45 -1.10 -3.92
CA PRO A 11 0.23 0.06 -4.79
C PRO A 11 0.61 1.35 -3.99
N HIS A 12 1.05 2.39 -4.67
CA HIS A 12 2.27 3.12 -4.15
C HIS A 12 1.87 4.50 -3.67
N MET A 13 0.58 4.82 -3.90
CA MET A 13 -0.26 5.61 -3.01
C MET A 13 -0.62 4.80 -1.77
N CYS A 14 -0.98 3.55 -1.99
CA CYS A 14 -1.24 2.58 -0.93
C CYS A 14 -0.02 2.41 -0.04
N TRP A 15 1.15 2.74 -0.65
CA TRP A 15 2.43 2.53 0.04
C TRP A 15 2.52 3.72 1.10
N LYS A 16 2.52 4.90 0.50
CA LYS A 16 2.77 6.08 1.29
C LYS A 16 1.71 6.25 2.39
N LYS A 17 0.63 5.36 2.22
CA LYS A 17 -0.43 5.62 3.22
C LYS A 17 -0.98 4.40 3.99
N CYS A 18 -0.47 3.25 3.68
CA CYS A 18 -0.02 2.21 4.64
C CYS A 18 0.92 2.85 5.66
N GLY A 19 1.64 3.91 5.15
CA GLY A 19 2.63 4.60 5.94
C GLY A 19 4.06 4.01 5.65
N LYS A 20 4.31 3.83 4.28
CA LYS A 20 4.71 2.52 3.82
C LYS A 20 5.22 2.33 2.45
N LYS A 21 4.66 1.36 1.66
CA LYS A 21 5.28 0.37 0.87
C LYS A 21 5.76 -0.85 1.75
N ALA A 1 -7.66 -3.93 -8.27
CA ALA A 1 -8.02 -3.80 -6.86
C ALA A 1 -7.40 -2.51 -6.30
N LEU A 2 -7.34 -2.45 -4.97
CA LEU A 2 -7.21 -1.19 -4.25
C LEU A 2 -6.42 -1.42 -2.96
N CYS A 3 -6.31 -0.38 -2.14
CA CYS A 3 -5.20 -0.30 -1.15
C CYS A 3 -5.28 -1.53 -0.23
N ASN A 4 -4.13 -2.25 -0.27
CA ASN A 4 -3.80 -3.24 0.74
C ASN A 4 -2.44 -2.94 1.36
N CYS A 5 -2.51 -2.31 2.55
CA CYS A 5 -1.37 -2.27 3.47
C CYS A 5 -1.02 -3.67 3.93
N ASN A 6 -1.80 -4.64 3.44
CA ASN A 6 -1.66 -6.02 3.91
C ASN A 6 -1.11 -6.92 2.82
N ARG A 7 -1.29 -6.49 1.56
CA ARG A 7 -0.80 -7.27 0.44
C ARG A 7 0.69 -6.92 0.21
N ILE A 8 1.41 -7.91 -0.33
CA ILE A 8 2.82 -8.12 0.01
C ILE A 8 3.70 -7.08 -0.68
N ILE A 9 3.11 -6.35 -1.61
CA ILE A 9 3.69 -5.12 -2.14
C ILE A 9 2.59 -4.08 -2.29
N ILE A 10 2.99 -2.84 -2.05
CA ILE A 10 1.95 -1.75 -1.92
C ILE A 10 1.90 -1.00 -3.21
N PRO A 11 0.69 -0.93 -3.86
CA PRO A 11 0.61 0.11 -4.91
C PRO A 11 0.65 1.49 -4.22
N HIS A 12 1.50 2.37 -4.74
CA HIS A 12 2.32 3.27 -3.87
C HIS A 12 1.55 4.51 -3.51
N MET A 13 0.24 4.47 -3.82
CA MET A 13 -0.78 5.18 -3.07
C MET A 13 -0.94 4.57 -1.67
N CYS A 14 -1.08 3.24 -1.64
CA CYS A 14 -1.14 2.52 -0.38
C CYS A 14 0.19 2.64 0.37
N TRP A 15 1.24 2.87 -0.43
CA TRP A 15 2.61 2.93 0.10
C TRP A 15 2.67 4.13 1.12
N LYS A 16 2.46 5.29 0.49
CA LYS A 16 2.40 6.50 1.24
C LYS A 16 1.36 6.45 2.36
N LYS A 17 0.43 5.39 2.21
CA LYS A 17 -0.67 5.59 3.20
C LYS A 17 -1.03 4.37 4.07
N CYS A 18 -0.41 3.26 3.89
CA CYS A 18 0.22 2.42 4.93
C CYS A 18 1.08 3.27 5.84
N GLY A 19 1.70 4.33 5.23
CA GLY A 19 2.64 5.16 5.95
C GLY A 19 4.11 4.71 5.64
N LYS A 20 4.34 4.46 4.30
CA LYS A 20 4.88 3.16 3.90
C LYS A 20 5.38 2.96 2.52
N LYS A 21 4.95 1.87 1.84
CA LYS A 21 5.68 0.86 1.15
C LYS A 21 5.79 -0.46 2.04
N ALA A 1 -5.77 -5.41 -5.19
CA ALA A 1 -6.29 -4.52 -6.23
C ALA A 1 -6.95 -3.30 -5.58
N LEU A 2 -6.25 -2.18 -5.64
CA LEU A 2 -6.51 -1.06 -4.74
C LEU A 2 -6.24 -1.51 -3.29
N CYS A 3 -6.29 -0.56 -2.34
CA CYS A 3 -5.27 -0.53 -1.25
C CYS A 3 -5.36 -1.82 -0.42
N ASN A 4 -4.15 -2.42 -0.35
CA ASN A 4 -3.84 -3.46 0.64
C ASN A 4 -2.50 -3.17 1.30
N CYS A 5 -2.56 -2.43 2.41
CA CYS A 5 -1.38 -2.38 3.30
C CYS A 5 -1.19 -3.74 3.95
N ASN A 6 -2.07 -4.66 3.60
CA ASN A 6 -2.05 -6.00 4.18
C ASN A 6 -1.57 -7.01 3.15
N ARG A 7 -1.54 -6.61 1.88
CA ARG A 7 -0.50 -7.18 0.95
C ARG A 7 0.67 -6.19 0.97
N ILE A 8 1.85 -6.78 0.76
CA ILE A 8 3.10 -6.18 1.20
C ILE A 8 4.03 -5.94 0.01
N ILE A 9 3.41 -5.46 -1.07
CA ILE A 9 4.12 -4.68 -2.08
C ILE A 9 3.15 -3.66 -2.70
N ILE A 10 3.28 -2.41 -2.29
CA ILE A 10 2.08 -1.52 -2.16
C ILE A 10 1.95 -0.71 -3.41
N PRO A 11 0.76 -0.78 -4.09
CA PRO A 11 0.59 0.24 -5.16
C PRO A 11 0.49 1.63 -4.47
N HIS A 12 1.27 2.58 -4.95
CA HIS A 12 2.10 3.44 -4.05
C HIS A 12 1.37 4.70 -3.63
N MET A 13 0.03 4.62 -3.79
CA MET A 13 -0.95 5.28 -2.93
C MET A 13 -1.07 4.56 -1.60
N CYS A 14 -1.28 3.24 -1.68
CA CYS A 14 -1.31 2.41 -0.50
C CYS A 14 0.02 2.38 0.21
N TRP A 15 1.13 2.54 -0.56
CA TRP A 15 2.43 2.87 -0.09
C TRP A 15 2.26 4.06 0.92
N LYS A 16 2.26 5.28 0.36
CA LYS A 16 2.49 6.45 1.12
C LYS A 16 1.53 6.53 2.34
N LYS A 17 0.45 5.65 2.20
CA LYS A 17 -0.47 5.58 3.32
C LYS A 17 -0.69 4.37 4.16
N CYS A 18 -0.15 3.22 3.83
CA CYS A 18 0.44 2.25 4.75
C CYS A 18 1.39 2.98 5.72
N GLY A 19 1.92 4.10 5.13
CA GLY A 19 2.98 4.79 5.90
C GLY A 19 4.30 4.00 5.45
N LYS A 20 4.64 4.33 4.18
CA LYS A 20 5.07 3.45 3.16
C LYS A 20 5.77 2.18 2.89
N LYS A 21 5.09 1.38 1.97
CA LYS A 21 5.74 0.45 1.05
C LYS A 21 6.14 -0.84 1.79
N ALA A 1 -10.66 -2.93 -5.72
CA ALA A 1 -10.43 -1.47 -5.59
C ALA A 1 -9.85 -1.18 -4.21
N LEU A 2 -9.03 -0.13 -4.16
CA LEU A 2 -8.62 0.47 -2.91
C LEU A 2 -7.72 -0.49 -2.10
N CYS A 3 -7.23 -0.05 -0.94
CA CYS A 3 -5.79 -0.21 -0.61
C CYS A 3 -5.49 -1.50 0.11
N ASN A 4 -4.30 -2.02 -0.24
CA ASN A 4 -3.74 -3.19 0.43
C ASN A 4 -2.53 -2.75 1.26
N CYS A 5 -2.83 -2.21 2.45
CA CYS A 5 -1.89 -2.27 3.58
C CYS A 5 -1.85 -3.69 4.15
N ASN A 6 -2.41 -4.60 3.33
CA ASN A 6 -2.38 -6.02 3.67
C ASN A 6 -1.68 -6.84 2.59
N ARG A 7 -1.19 -6.18 1.54
CA ARG A 7 0.03 -6.59 0.86
C ARG A 7 1.21 -5.77 1.45
N ILE A 8 2.35 -6.00 0.81
CA ILE A 8 3.53 -5.19 1.08
C ILE A 8 4.45 -5.18 -0.14
N ILE A 9 3.87 -5.40 -1.32
CA ILE A 9 4.43 -4.72 -2.52
C ILE A 9 3.34 -3.74 -3.02
N ILE A 10 3.10 -2.77 -2.11
CA ILE A 10 1.88 -1.96 -2.11
C ILE A 10 1.72 -1.25 -3.42
N PRO A 11 0.42 -1.14 -3.88
CA PRO A 11 0.12 -0.01 -4.79
C PRO A 11 0.46 1.32 -4.06
N HIS A 12 1.01 2.28 -4.78
CA HIS A 12 2.23 3.02 -4.21
C HIS A 12 1.79 4.37 -3.70
N MET A 13 0.51 4.69 -4.01
CA MET A 13 -0.40 5.42 -3.12
C MET A 13 -0.60 4.63 -1.82
N CYS A 14 -0.98 3.37 -1.98
CA CYS A 14 -1.27 2.47 -0.89
C CYS A 14 -0.04 2.27 -0.02
N TRP A 15 1.13 2.61 -0.64
CA TRP A 15 2.42 2.51 0.01
C TRP A 15 2.48 3.70 1.07
N LYS A 16 2.39 4.89 0.47
CA LYS A 16 2.57 6.06 1.27
C LYS A 16 1.52 6.13 2.41
N LYS A 17 0.48 5.20 2.20
CA LYS A 17 -0.59 5.34 3.20
C LYS A 17 -0.98 4.07 3.99
N CYS A 18 -0.32 3.01 3.72
CA CYS A 18 0.17 2.02 4.71
C CYS A 18 1.09 2.73 5.68
N GLY A 19 1.77 3.80 5.18
CA GLY A 19 2.74 4.55 5.94
C GLY A 19 4.19 4.06 5.57
N LYS A 20 4.38 3.85 4.20
CA LYS A 20 4.80 2.51 3.78
C LYS A 20 5.27 2.31 2.38
N LYS A 21 4.71 1.31 1.64
CA LYS A 21 5.37 0.30 0.87
C LYS A 21 5.92 -0.84 1.72
N ALA A 1 -9.58 -2.99 -7.54
CA ALA A 1 -8.57 -3.42 -6.55
C ALA A 1 -8.00 -2.21 -5.83
N LEU A 2 -8.20 -2.17 -4.52
CA LEU A 2 -7.82 -1.03 -3.71
C LEU A 2 -6.99 -1.50 -2.50
N CYS A 3 -6.65 -0.55 -1.65
CA CYS A 3 -5.36 -0.53 -0.94
C CYS A 3 -5.16 -1.75 -0.07
N ASN A 4 -4.10 -2.49 -0.40
CA ASN A 4 -3.61 -3.59 0.43
C ASN A 4 -2.29 -3.15 1.10
N CYS A 5 -2.43 -2.38 2.17
CA CYS A 5 -1.38 -2.36 3.22
C CYS A 5 -1.31 -3.71 3.91
N ASN A 6 -2.21 -4.59 3.49
CA ASN A 6 -2.28 -5.93 4.10
C ASN A 6 -1.63 -6.95 3.19
N ARG A 7 -1.42 -6.58 1.94
CA ARG A 7 -0.29 -7.16 1.14
C ARG A 7 0.83 -6.11 1.15
N ILE A 8 2.06 -6.65 0.97
CA ILE A 8 3.25 -5.85 1.19
C ILE A 8 4.15 -5.84 -0.06
N ILE A 9 3.53 -5.44 -1.17
CA ILE A 9 4.23 -4.70 -2.23
C ILE A 9 3.25 -3.67 -2.83
N ILE A 10 3.19 -2.53 -2.17
CA ILE A 10 2.02 -1.65 -2.19
C ILE A 10 1.92 -0.91 -3.48
N PRO A 11 0.69 -0.84 -4.05
CA PRO A 11 0.50 0.27 -5.05
C PRO A 11 0.55 1.60 -4.31
N HIS A 12 1.05 2.66 -4.94
CA HIS A 12 2.20 3.46 -4.29
C HIS A 12 1.71 4.72 -3.71
N MET A 13 0.34 4.84 -3.73
CA MET A 13 -0.47 5.67 -2.85
C MET A 13 -0.96 4.89 -1.64
N CYS A 14 -0.93 3.57 -1.76
CA CYS A 14 -1.38 2.64 -0.75
C CYS A 14 -0.17 2.17 0.09
N TRP A 15 1.00 2.32 -0.53
CA TRP A 15 2.29 2.75 0.04
C TRP A 15 2.01 3.96 0.93
N LYS A 16 2.16 5.19 0.38
CA LYS A 16 2.44 6.37 1.10
C LYS A 16 1.50 6.52 2.33
N LYS A 17 0.37 5.72 2.19
CA LYS A 17 -0.55 5.71 3.31
C LYS A 17 -0.79 4.50 4.18
N CYS A 18 -0.32 3.34 3.82
CA CYS A 18 0.24 2.31 4.70
C CYS A 18 1.22 2.98 5.70
N GLY A 19 1.80 4.09 5.15
CA GLY A 19 2.95 4.66 5.86
C GLY A 19 4.19 3.78 5.34
N LYS A 20 4.54 4.16 4.09
CA LYS A 20 4.91 3.27 3.04
C LYS A 20 5.62 2.02 2.77
N LYS A 21 4.93 1.18 1.89
CA LYS A 21 5.51 0.26 0.94
C LYS A 21 6.01 -1.01 1.62
N ALA A 1 -9.26 -5.91 -5.88
CA ALA A 1 -8.08 -5.34 -6.56
C ALA A 1 -7.95 -3.86 -6.22
N LEU A 2 -7.57 -3.60 -4.98
CA LEU A 2 -7.58 -2.26 -4.41
C LEU A 2 -6.72 -2.25 -3.14
N CYS A 3 -6.54 -1.07 -2.58
CA CYS A 3 -5.31 -0.74 -1.82
C CYS A 3 -5.18 -1.63 -0.60
N ASN A 4 -3.95 -2.17 -0.48
CA ASN A 4 -3.73 -3.16 0.61
C ASN A 4 -2.49 -2.72 1.40
N CYS A 5 -2.75 -2.16 2.58
CA CYS A 5 -1.81 -2.24 3.70
C CYS A 5 -1.84 -3.64 4.32
N ASN A 6 -2.39 -4.56 3.48
CA ASN A 6 -2.44 -5.97 3.88
C ASN A 6 -1.80 -6.87 2.84
N ARG A 7 -1.36 -6.30 1.71
CA ARG A 7 -0.18 -6.81 1.01
C ARG A 7 1.02 -5.96 1.53
N ILE A 8 2.17 -6.29 0.94
CA ILE A 8 3.34 -5.41 1.06
C ILE A 8 4.21 -5.53 -0.19
N ILE A 9 3.56 -5.72 -1.34
CA ILE A 9 4.10 -5.12 -2.59
C ILE A 9 3.16 -3.99 -3.01
N ILE A 10 3.15 -2.95 -2.15
CA ILE A 10 2.02 -2.03 -2.09
C ILE A 10 1.87 -1.32 -3.43
N PRO A 11 0.57 -1.18 -3.80
CA PRO A 11 0.30 0.00 -4.72
C PRO A 11 0.47 1.26 -3.91
N HIS A 12 0.70 2.43 -4.53
CA HIS A 12 1.92 3.26 -4.13
C HIS A 12 1.49 4.62 -3.62
N MET A 13 0.17 4.87 -3.74
CA MET A 13 -0.61 5.64 -2.78
C MET A 13 -0.96 4.78 -1.55
N CYS A 14 -1.12 3.51 -1.79
CA CYS A 14 -1.31 2.47 -0.82
C CYS A 14 -0.05 2.35 0.06
N TRP A 15 1.08 2.67 -0.60
CA TRP A 15 2.39 2.59 0.04
C TRP A 15 2.44 3.77 1.10
N LYS A 16 2.35 4.97 0.51
CA LYS A 16 2.56 6.15 1.29
C LYS A 16 1.57 6.21 2.48
N LYS A 17 0.51 5.29 2.33
CA LYS A 17 -0.50 5.51 3.40
C LYS A 17 -0.90 4.23 4.20
N CYS A 18 -0.29 3.13 3.84
CA CYS A 18 0.24 2.12 4.76
C CYS A 18 1.21 2.80 5.73
N GLY A 19 1.86 3.88 5.22
CA GLY A 19 2.86 4.61 5.96
C GLY A 19 4.29 4.10 5.57
N LYS A 20 4.48 3.93 4.19
CA LYS A 20 4.90 2.61 3.73
C LYS A 20 5.39 2.47 2.34
N LYS A 21 4.85 1.46 1.57
CA LYS A 21 5.52 0.57 0.69
C LYS A 21 6.10 -0.67 1.42
N ALA A 1 -6.71 -5.80 -5.08
CA ALA A 1 -6.95 -4.75 -6.10
C ALA A 1 -7.30 -3.44 -5.41
N LEU A 2 -6.46 -2.43 -5.65
CA LEU A 2 -6.48 -1.22 -4.83
C LEU A 2 -6.11 -1.58 -3.38
N CYS A 3 -6.10 -0.57 -2.50
CA CYS A 3 -5.12 -0.53 -1.39
C CYS A 3 -5.27 -1.80 -0.52
N ASN A 4 -4.07 -2.41 -0.39
CA ASN A 4 -3.83 -3.44 0.62
C ASN A 4 -2.55 -3.10 1.38
N CYS A 5 -2.70 -2.40 2.50
CA CYS A 5 -1.62 -2.37 3.51
C CYS A 5 -1.44 -3.76 4.09
N ASN A 6 -2.27 -4.68 3.64
CA ASN A 6 -2.19 -6.06 4.09
C ASN A 6 -1.59 -6.97 3.03
N ARG A 7 -1.56 -6.48 1.80
CA ARG A 7 -0.50 -6.96 0.84
C ARG A 7 0.66 -5.96 0.95
N ILE A 8 1.86 -6.54 0.78
CA ILE A 8 3.08 -5.84 1.14
C ILE A 8 4.06 -5.81 -0.04
N ILE A 9 3.48 -5.64 -1.24
CA ILE A 9 4.14 -4.86 -2.31
C ILE A 9 3.10 -3.86 -2.84
N ILE A 10 3.25 -2.61 -2.41
CA ILE A 10 2.08 -1.71 -2.23
C ILE A 10 1.93 -0.87 -3.46
N PRO A 11 0.72 -0.94 -4.12
CA PRO A 11 0.51 0.12 -5.15
C PRO A 11 0.41 1.48 -4.40
N HIS A 12 1.12 2.49 -4.92
CA HIS A 12 2.09 3.27 -4.08
C HIS A 12 1.46 4.54 -3.54
N MET A 13 0.13 4.61 -3.73
CA MET A 13 -0.78 5.34 -2.87
C MET A 13 -0.97 4.61 -1.55
N CYS A 14 -1.18 3.30 -1.66
CA CYS A 14 -1.21 2.43 -0.49
C CYS A 14 0.14 2.49 0.24
N TRP A 15 1.17 2.81 -0.60
CA TRP A 15 2.54 2.67 -0.07
C TRP A 15 2.65 3.81 1.09
N LYS A 16 2.46 5.01 0.52
CA LYS A 16 2.63 6.16 1.33
C LYS A 16 1.62 6.22 2.47
N LYS A 17 0.62 5.21 2.33
CA LYS A 17 -0.42 5.44 3.40
C LYS A 17 -0.85 4.17 4.18
N CYS A 18 -0.25 3.07 3.90
CA CYS A 18 0.35 2.13 4.87
C CYS A 18 1.30 2.89 5.78
N GLY A 19 1.94 3.94 5.18
CA GLY A 19 2.95 4.69 5.93
C GLY A 19 4.38 4.22 5.48
N LYS A 20 4.50 4.06 4.11
CA LYS A 20 4.98 2.80 3.60
C LYS A 20 5.40 2.66 2.18
N LYS A 21 4.88 1.64 1.42
CA LYS A 21 5.58 0.57 0.76
C LYS A 21 5.81 -0.58 1.80
N ALA A 1 -7.30 -3.39 -9.09
CA ALA A 1 -7.38 -3.56 -7.63
C ALA A 1 -6.90 -2.31 -6.92
N LEU A 2 -6.88 -2.37 -5.59
CA LEU A 2 -6.71 -1.19 -4.76
C LEU A 2 -6.45 -1.62 -3.28
N CYS A 3 -6.31 -0.62 -2.42
CA CYS A 3 -5.29 -0.64 -1.34
C CYS A 3 -5.41 -1.91 -0.49
N ASN A 4 -4.18 -2.49 -0.37
CA ASN A 4 -3.89 -3.52 0.63
C ASN A 4 -2.58 -3.22 1.33
N CYS A 5 -2.66 -2.47 2.43
CA CYS A 5 -1.52 -2.42 3.37
C CYS A 5 -1.38 -3.76 4.06
N ASN A 6 -2.24 -4.68 3.67
CA ASN A 6 -2.19 -6.05 4.19
C ASN A 6 -1.52 -6.96 3.19
N ARG A 7 -1.52 -6.56 1.93
CA ARG A 7 -0.35 -6.90 1.03
C ARG A 7 0.66 -5.76 1.20
N ILE A 8 1.94 -6.18 1.01
CA ILE A 8 3.02 -5.19 1.19
C ILE A 8 4.01 -5.30 0.05
N ILE A 9 3.48 -5.24 -1.18
CA ILE A 9 4.26 -4.66 -2.29
C ILE A 9 3.34 -3.60 -2.97
N ILE A 10 3.31 -2.44 -2.34
CA ILE A 10 2.07 -1.61 -2.23
C ILE A 10 1.95 -0.77 -3.47
N PRO A 11 0.74 -0.84 -4.15
CA PRO A 11 0.57 0.20 -5.20
C PRO A 11 0.47 1.58 -4.49
N HIS A 12 1.25 2.55 -4.97
CA HIS A 12 2.08 3.39 -4.05
C HIS A 12 1.37 4.65 -3.64
N MET A 13 0.02 4.59 -3.78
CA MET A 13 -0.94 5.25 -2.89
C MET A 13 -1.02 4.49 -1.57
N CYS A 14 -1.25 3.17 -1.71
CA CYS A 14 -1.34 2.32 -0.55
C CYS A 14 -0.01 2.29 0.19
N TRP A 15 1.09 2.47 -0.57
CA TRP A 15 2.41 2.79 -0.09
C TRP A 15 2.23 3.98 0.90
N LYS A 16 2.25 5.20 0.35
CA LYS A 16 2.55 6.35 1.09
C LYS A 16 1.61 6.49 2.32
N LYS A 17 0.50 5.64 2.22
CA LYS A 17 -0.38 5.64 3.36
C LYS A 17 -0.63 4.44 4.24
N CYS A 18 -0.19 3.26 3.87
CA CYS A 18 0.37 2.22 4.74
C CYS A 18 1.38 2.89 5.70
N GLY A 19 1.95 3.98 5.13
CA GLY A 19 3.01 4.67 5.87
C GLY A 19 4.34 3.86 5.42
N LYS A 20 4.66 4.18 4.14
CA LYS A 20 5.06 3.29 3.13
C LYS A 20 5.74 2.01 2.88
N LYS A 21 5.05 1.21 1.95
CA LYS A 21 5.70 0.28 1.03
C LYS A 21 6.10 -1.01 1.77
N ALA A 1 -9.34 -4.43 -7.49
CA ALA A 1 -7.94 -4.01 -7.25
C ALA A 1 -7.93 -2.67 -6.51
N LEU A 2 -7.53 -2.71 -5.26
CA LEU A 2 -7.81 -1.62 -4.32
C LEU A 2 -6.99 -1.86 -3.03
N CYS A 3 -6.82 -0.81 -2.23
CA CYS A 3 -5.51 -0.58 -1.56
C CYS A 3 -5.30 -1.54 -0.42
N ASN A 4 -4.05 -2.05 -0.37
CA ASN A 4 -3.75 -3.10 0.62
C ASN A 4 -2.54 -2.66 1.46
N CYS A 5 -2.83 -2.13 2.64
CA CYS A 5 -1.85 -2.16 3.75
C CYS A 5 -1.77 -3.57 4.33
N ASN A 6 -2.33 -4.50 3.53
CA ASN A 6 -2.29 -5.91 3.93
C ASN A 6 -1.69 -6.77 2.84
N ARG A 7 -1.59 -6.21 1.64
CA ARG A 7 -0.58 -6.73 0.66
C ARG A 7 0.64 -5.82 0.75
N ILE A 8 1.80 -6.47 0.55
CA ILE A 8 3.08 -5.87 0.91
C ILE A 8 4.05 -5.94 -0.27
N ILE A 9 3.54 -5.62 -1.47
CA ILE A 9 4.35 -4.89 -2.46
C ILE A 9 3.49 -3.71 -2.96
N ILE A 10 3.33 -2.73 -2.07
CA ILE A 10 2.11 -1.91 -2.02
C ILE A 10 1.96 -1.17 -3.34
N PRO A 11 0.72 -1.29 -3.92
CA PRO A 11 0.40 -0.26 -4.96
C PRO A 11 0.38 1.12 -4.33
N HIS A 12 1.01 2.15 -4.95
CA HIS A 12 2.03 2.97 -4.21
C HIS A 12 1.51 4.22 -3.57
N MET A 13 0.21 4.48 -3.77
CA MET A 13 -0.57 5.37 -2.90
C MET A 13 -0.92 4.65 -1.60
N CYS A 14 -1.05 3.34 -1.72
CA CYS A 14 -1.25 2.40 -0.64
C CYS A 14 0.02 2.36 0.20
N TRP A 15 1.18 2.48 -0.48
CA TRP A 15 2.47 2.60 0.11
C TRP A 15 2.45 3.80 1.14
N LYS A 16 2.27 4.99 0.53
CA LYS A 16 2.41 6.18 1.28
C LYS A 16 1.40 6.21 2.46
N LYS A 17 0.42 5.20 2.32
CA LYS A 17 -0.59 5.26 3.40
C LYS A 17 -0.80 3.97 4.24
N CYS A 18 -0.01 2.98 3.91
CA CYS A 18 0.51 2.01 4.88
C CYS A 18 1.44 2.79 5.82
N GLY A 19 2.01 3.90 5.27
CA GLY A 19 2.80 4.85 6.01
C GLY A 19 4.35 4.49 5.66
N LYS A 20 4.51 4.23 4.30
CA LYS A 20 4.99 2.92 3.86
C LYS A 20 5.31 2.72 2.42
N LYS A 21 4.82 1.62 1.79
CA LYS A 21 5.49 0.74 0.91
C LYS A 21 6.19 -0.46 1.62
N ALA A 1 -5.89 -4.56 -7.91
CA ALA A 1 -4.96 -3.44 -8.15
C ALA A 1 -5.41 -2.21 -7.37
N LEU A 2 -5.37 -2.34 -6.05
CA LEU A 2 -5.75 -1.24 -5.18
C LEU A 2 -5.31 -1.49 -3.74
N CYS A 3 -5.53 -0.51 -2.86
CA CYS A 3 -4.71 -0.41 -1.63
C CYS A 3 -4.95 -1.69 -0.79
N ASN A 4 -3.77 -2.30 -0.52
CA ASN A 4 -3.62 -3.26 0.58
C ASN A 4 -2.28 -3.06 1.29
N CYS A 5 -2.34 -2.40 2.45
CA CYS A 5 -1.24 -2.47 3.43
C CYS A 5 -1.21 -3.84 4.09
N ASN A 6 -1.99 -4.75 3.48
CA ASN A 6 -2.07 -6.11 4.00
C ASN A 6 -1.69 -7.12 2.95
N ARG A 7 -1.66 -6.70 1.69
CA ARG A 7 -0.77 -7.38 0.70
C ARG A 7 0.54 -6.58 0.68
N ILE A 8 1.62 -7.25 0.29
CA ILE A 8 2.95 -6.98 0.84
C ILE A 8 3.83 -6.26 -0.17
N ILE A 9 3.19 -5.73 -1.21
CA ILE A 9 3.88 -4.89 -2.18
C ILE A 9 2.92 -3.82 -2.71
N ILE A 10 3.10 -2.60 -2.22
CA ILE A 10 1.92 -1.68 -2.04
C ILE A 10 1.67 -0.96 -3.33
N PRO A 11 0.39 -1.03 -3.84
CA PRO A 11 0.04 0.04 -4.82
C PRO A 11 0.10 1.40 -4.11
N HIS A 12 0.84 2.34 -4.73
CA HIS A 12 1.88 3.14 -4.00
C HIS A 12 1.28 4.45 -3.53
N MET A 13 -0.03 4.59 -3.79
CA MET A 13 -1.00 5.24 -2.91
C MET A 13 -0.98 4.62 -1.53
N CYS A 14 -1.13 3.30 -1.47
CA CYS A 14 -1.03 2.56 -0.23
C CYS A 14 0.33 2.74 0.43
N TRP A 15 1.38 2.78 -0.45
CA TRP A 15 2.75 2.84 -0.03
C TRP A 15 2.91 4.02 1.03
N LYS A 16 2.55 5.17 0.44
CA LYS A 16 2.54 6.37 1.23
C LYS A 16 1.54 6.31 2.36
N LYS A 17 0.62 5.22 2.25
CA LYS A 17 -0.44 5.40 3.29
C LYS A 17 -0.84 4.12 4.04
N CYS A 18 -0.13 3.07 3.88
CA CYS A 18 0.55 2.24 4.90
C CYS A 18 1.35 3.15 5.82
N GLY A 19 1.97 4.19 5.16
CA GLY A 19 2.86 5.06 5.92
C GLY A 19 4.35 4.65 5.59
N LYS A 20 4.53 4.40 4.23
CA LYS A 20 5.14 3.16 3.83
C LYS A 20 5.55 2.92 2.43
N LYS A 21 4.99 1.91 1.71
CA LYS A 21 5.62 0.83 1.02
C LYS A 21 5.75 -0.42 1.99
N ALA A 1 -8.16 -6.17 -5.75
CA ALA A 1 -8.57 -5.47 -4.52
C ALA A 1 -7.96 -4.08 -4.48
N LEU A 2 -8.49 -3.25 -3.59
CA LEU A 2 -7.88 -1.94 -3.33
C LEU A 2 -7.37 -1.91 -1.89
N CYS A 3 -6.56 -0.91 -1.53
CA CYS A 3 -5.37 -1.10 -0.71
C CYS A 3 -5.49 -1.98 0.51
N ASN A 4 -5.12 -3.25 0.33
CA ASN A 4 -4.38 -4.03 1.36
C ASN A 4 -3.03 -3.32 1.55
N CYS A 5 -2.95 -2.56 2.65
CA CYS A 5 -1.69 -2.36 3.39
C CYS A 5 -1.17 -3.69 3.88
N ASN A 6 -1.99 -4.72 3.71
CA ASN A 6 -1.69 -6.02 4.30
C ASN A 6 -1.49 -7.08 3.22
N ARG A 7 -1.69 -6.71 1.96
CA ARG A 7 -0.83 -7.32 0.90
C ARG A 7 0.47 -6.49 0.87
N ILE A 8 1.55 -7.20 0.56
CA ILE A 8 2.89 -6.77 0.92
C ILE A 8 3.73 -6.57 -0.35
N ILE A 9 3.16 -5.78 -1.26
CA ILE A 9 3.96 -5.07 -2.25
C ILE A 9 3.16 -3.92 -2.86
N ILE A 10 3.35 -2.72 -2.30
CA ILE A 10 2.28 -1.70 -2.34
C ILE A 10 2.24 -1.01 -3.66
N PRO A 11 0.98 -0.78 -4.18
CA PRO A 11 0.80 0.44 -5.01
C PRO A 11 1.09 1.66 -4.09
N HIS A 12 1.24 2.85 -4.64
CA HIS A 12 2.43 3.67 -4.15
C HIS A 12 1.95 5.00 -3.66
N MET A 13 0.64 5.25 -3.88
CA MET A 13 -0.26 5.97 -2.97
C MET A 13 -0.64 5.09 -1.79
N CYS A 14 -0.92 3.84 -2.08
CA CYS A 14 -1.11 2.76 -1.13
C CYS A 14 0.07 2.65 -0.19
N TRP A 15 1.27 3.01 -0.75
CA TRP A 15 2.53 2.84 -0.02
C TRP A 15 2.53 3.98 1.09
N LYS A 16 2.48 5.20 0.54
CA LYS A 16 2.60 6.34 1.37
C LYS A 16 1.50 6.38 2.46
N LYS A 17 0.49 5.42 2.22
CA LYS A 17 -0.61 5.56 3.20
C LYS A 17 -1.04 4.26 3.92
N CYS A 18 -0.40 3.18 3.58
CA CYS A 18 0.10 2.14 4.49
C CYS A 18 0.96 2.81 5.56
N GLY A 19 1.61 3.94 5.12
CA GLY A 19 2.53 4.67 5.96
C GLY A 19 4.00 4.22 5.64
N LYS A 20 4.25 4.10 4.27
CA LYS A 20 4.77 2.86 3.77
C LYS A 20 5.28 2.73 2.39
N LYS A 21 4.79 1.77 1.56
CA LYS A 21 5.48 0.81 0.78
C LYS A 21 5.96 -0.40 1.67
N ALA A 1 -6.38 -4.35 -8.60
CA ALA A 1 -4.98 -4.10 -8.18
C ALA A 1 -4.89 -2.75 -7.49
N LEU A 2 -5.38 -2.71 -6.24
CA LEU A 2 -5.55 -1.44 -5.54
C LEU A 2 -5.38 -1.69 -4.04
N CYS A 3 -5.54 -0.64 -3.23
CA CYS A 3 -4.79 -0.53 -1.94
C CYS A 3 -5.06 -1.79 -1.08
N ASN A 4 -3.89 -2.37 -0.74
CA ASN A 4 -3.78 -3.34 0.35
C ASN A 4 -2.56 -3.07 1.22
N CYS A 5 -2.79 -2.36 2.34
CA CYS A 5 -1.82 -2.38 3.44
C CYS A 5 -1.77 -3.76 4.08
N ASN A 6 -2.54 -4.68 3.48
CA ASN A 6 -2.61 -6.04 4.01
C ASN A 6 -1.76 -6.98 3.17
N ARG A 7 -1.35 -6.54 1.99
CA ARG A 7 -0.06 -6.92 1.40
C ARG A 7 0.95 -5.84 1.84
N ILE A 8 2.16 -5.99 1.30
CA ILE A 8 3.11 -4.89 1.31
C ILE A 8 3.96 -4.96 0.03
N ILE A 9 3.32 -5.40 -1.05
CA ILE A 9 3.75 -4.97 -2.39
C ILE A 9 2.77 -3.91 -2.92
N ILE A 10 2.92 -2.69 -2.41
CA ILE A 10 1.75 -1.78 -2.25
C ILE A 10 1.57 -1.03 -3.53
N PRO A 11 0.30 -1.04 -4.07
CA PRO A 11 0.00 0.09 -5.00
C PRO A 11 0.07 1.41 -4.20
N HIS A 12 0.76 2.40 -4.78
CA HIS A 12 1.91 3.11 -4.05
C HIS A 12 1.41 4.44 -3.54
N MET A 13 0.11 4.71 -3.85
CA MET A 13 -0.86 5.29 -2.94
C MET A 13 -0.86 4.59 -1.59
N CYS A 14 -1.08 3.26 -1.60
CA CYS A 14 -1.13 2.48 -0.39
C CYS A 14 0.20 2.59 0.37
N TRP A 15 1.29 2.60 -0.44
CA TRP A 15 2.64 2.64 0.03
C TRP A 15 2.80 3.81 1.08
N LYS A 16 2.52 5.00 0.51
CA LYS A 16 2.59 6.17 1.32
C LYS A 16 1.57 6.12 2.47
N LYS A 17 0.62 5.08 2.27
CA LYS A 17 -0.44 5.18 3.32
C LYS A 17 -0.76 3.88 4.08
N CYS A 18 0.08 2.92 3.84
CA CYS A 18 0.58 1.93 4.82
C CYS A 18 1.51 2.66 5.76
N GLY A 19 2.11 3.77 5.24
CA GLY A 19 2.89 4.70 6.02
C GLY A 19 4.44 4.31 5.70
N LYS A 20 4.61 4.08 4.34
CA LYS A 20 5.09 2.78 3.86
C LYS A 20 5.42 2.61 2.43
N LYS A 21 4.82 1.60 1.73
CA LYS A 21 5.40 0.70 0.80
C LYS A 21 5.96 -0.59 1.43
N ALA A 1 -6.30 -3.67 -9.41
CA ALA A 1 -5.79 -4.06 -8.08
C ALA A 1 -5.41 -2.82 -7.28
N LEU A 2 -6.04 -2.67 -6.12
CA LEU A 2 -6.06 -1.41 -5.39
C LEU A 2 -5.62 -1.66 -3.94
N CYS A 3 -5.74 -0.62 -3.11
CA CYS A 3 -4.90 -0.52 -1.89
C CYS A 3 -5.11 -1.79 -1.01
N ASN A 4 -3.89 -2.32 -0.71
CA ASN A 4 -3.74 -3.32 0.35
C ASN A 4 -2.47 -3.07 1.16
N CYS A 5 -2.64 -2.39 2.30
CA CYS A 5 -1.63 -2.45 3.38
C CYS A 5 -1.61 -3.85 4.00
N ASN A 6 -2.40 -4.73 3.38
CA ASN A 6 -2.51 -6.09 3.90
C ASN A 6 -1.78 -7.08 3.00
N ARG A 7 -1.42 -6.67 1.79
CA ARG A 7 -0.12 -7.08 1.20
C ARG A 7 0.95 -6.17 1.91
N ILE A 8 2.15 -6.27 1.33
CA ILE A 8 3.11 -5.15 1.43
C ILE A 8 3.93 -5.09 0.15
N ILE A 9 3.26 -5.40 -0.97
CA ILE A 9 3.73 -4.96 -2.28
C ILE A 9 2.76 -3.90 -2.82
N ILE A 10 2.97 -2.66 -2.41
CA ILE A 10 1.81 -1.72 -2.23
C ILE A 10 1.63 -0.94 -3.50
N PRO A 11 0.38 -0.99 -4.08
CA PRO A 11 0.10 0.14 -5.03
C PRO A 11 0.08 1.44 -4.21
N HIS A 12 0.72 2.48 -4.75
CA HIS A 12 1.83 3.22 -3.98
C HIS A 12 1.31 4.55 -3.53
N MET A 13 0.02 4.79 -3.83
CA MET A 13 -0.99 5.32 -2.91
C MET A 13 -0.95 4.60 -1.56
N CYS A 14 -1.10 3.27 -1.61
CA CYS A 14 -1.14 2.47 -0.38
C CYS A 14 0.20 2.57 0.33
N TRP A 15 1.27 2.62 -0.48
CA TRP A 15 2.63 2.69 -0.06
C TRP A 15 2.78 3.83 1.02
N LYS A 16 2.52 5.02 0.45
CA LYS A 16 2.65 6.20 1.26
C LYS A 16 1.67 6.19 2.42
N LYS A 17 0.66 5.19 2.26
CA LYS A 17 -0.38 5.38 3.33
C LYS A 17 -0.76 4.16 4.16
N CYS A 18 -0.22 3.03 3.88
CA CYS A 18 0.39 2.08 4.83
C CYS A 18 1.34 2.81 5.76
N GLY A 19 1.96 3.89 5.17
CA GLY A 19 2.91 4.69 5.93
C GLY A 19 4.37 4.17 5.61
N LYS A 20 4.58 3.96 4.25
CA LYS A 20 5.05 2.65 3.81
C LYS A 20 5.48 2.50 2.39
N LYS A 21 4.90 1.51 1.63
CA LYS A 21 5.52 0.56 0.79
C LYS A 21 6.06 -0.67 1.61
N ALA A 1 -6.45 -5.44 -5.79
CA ALA A 1 -7.35 -4.28 -5.84
C ALA A 1 -7.16 -3.42 -4.59
N LEU A 2 -6.89 -2.13 -4.82
CA LEU A 2 -7.04 -1.11 -3.79
C LEU A 2 -6.09 -1.39 -2.63
N CYS A 3 -6.04 -0.45 -1.69
CA CYS A 3 -4.87 -0.31 -0.81
C CYS A 3 -4.80 -1.45 0.18
N ASN A 4 -4.07 -2.49 -0.21
CA ASN A 4 -3.95 -3.70 0.59
C ASN A 4 -2.71 -3.61 1.49
N CYS A 5 -2.90 -2.97 2.62
CA CYS A 5 -1.75 -2.45 3.38
C CYS A 5 -1.12 -3.55 4.22
N ASN A 6 -1.46 -4.78 3.78
CA ASN A 6 -0.91 -5.97 4.44
C ASN A 6 -0.58 -7.04 3.43
N ARG A 7 -1.07 -6.87 2.20
CA ARG A 7 -0.50 -7.66 1.08
C ARG A 7 0.88 -7.04 0.76
N ILE A 8 1.73 -7.88 0.16
CA ILE A 8 3.17 -7.81 0.36
C ILE A 8 3.82 -7.00 -0.76
N ILE A 9 3.01 -6.12 -1.34
CA ILE A 9 3.51 -5.01 -2.14
C ILE A 9 2.37 -4.00 -2.34
N ILE A 10 2.72 -2.73 -2.21
CA ILE A 10 1.73 -1.64 -2.24
C ILE A 10 1.76 -0.99 -3.59
N PRO A 11 0.53 -0.72 -4.12
CA PRO A 11 0.50 0.51 -5.01
C PRO A 11 0.68 1.73 -4.13
N HIS A 12 1.13 2.87 -4.69
CA HIS A 12 2.25 3.64 -4.06
C HIS A 12 1.83 5.05 -3.72
N MET A 13 0.53 5.35 -3.92
CA MET A 13 -0.29 6.18 -3.01
C MET A 13 -0.62 5.35 -1.76
N CYS A 14 -0.93 4.08 -2.04
CA CYS A 14 -1.12 3.06 -1.03
C CYS A 14 0.14 2.94 -0.17
N TRP A 15 1.32 2.98 -0.78
CA TRP A 15 2.60 2.88 -0.15
C TRP A 15 2.72 4.01 0.96
N LYS A 16 2.56 5.21 0.40
CA LYS A 16 2.89 6.31 1.27
C LYS A 16 1.84 6.49 2.38
N LYS A 17 0.77 5.59 2.24
CA LYS A 17 -0.28 5.90 3.28
C LYS A 17 -0.94 4.69 3.93
N CYS A 18 -0.78 3.50 3.43
CA CYS A 18 -0.43 2.25 4.10
C CYS A 18 0.62 2.54 5.20
N GLY A 19 1.41 3.59 4.91
CA GLY A 19 2.02 4.51 5.85
C GLY A 19 3.61 4.09 5.82
N LYS A 20 4.00 3.95 4.49
CA LYS A 20 4.47 2.68 3.98
C LYS A 20 5.02 2.55 2.61
N LYS A 21 4.50 1.63 1.76
CA LYS A 21 5.19 0.69 0.94
C LYS A 21 5.74 -0.52 1.72
N ALA A 1 -4.88 -4.13 -9.51
CA ALA A 1 -5.11 -4.23 -8.06
C ALA A 1 -4.79 -2.91 -7.38
N LEU A 2 -5.13 -2.81 -6.11
CA LEU A 2 -5.39 -1.52 -5.45
C LEU A 2 -5.27 -1.72 -3.94
N CYS A 3 -5.43 -0.63 -3.17
CA CYS A 3 -4.77 -0.52 -1.86
C CYS A 3 -5.18 -1.73 -0.97
N ASN A 4 -4.07 -2.41 -0.61
CA ASN A 4 -4.04 -3.34 0.53
C ASN A 4 -2.78 -3.12 1.35
N CYS A 5 -2.90 -2.37 2.45
CA CYS A 5 -1.80 -2.31 3.42
C CYS A 5 -1.53 -3.69 3.99
N ASN A 6 -2.40 -4.63 3.65
CA ASN A 6 -2.30 -5.98 4.20
C ASN A 6 -1.69 -6.94 3.19
N ARG A 7 -1.61 -6.50 1.94
CA ARG A 7 -0.52 -6.99 1.03
C ARG A 7 0.57 -5.92 1.05
N ILE A 8 1.81 -6.42 0.89
CA ILE A 8 2.98 -5.57 1.09
C ILE A 8 3.93 -5.66 -0.10
N ILE A 9 3.34 -5.59 -1.30
CA ILE A 9 3.99 -4.93 -2.45
C ILE A 9 3.05 -3.81 -2.95
N ILE A 10 3.10 -2.69 -2.24
CA ILE A 10 1.91 -1.80 -2.10
C ILE A 10 1.70 -1.07 -3.40
N PRO A 11 0.44 -1.11 -3.93
CA PRO A 11 0.12 -0.02 -4.91
C PRO A 11 0.17 1.32 -4.17
N HIS A 12 0.89 2.29 -4.76
CA HIS A 12 1.93 3.08 -4.02
C HIS A 12 1.35 4.39 -3.53
N MET A 13 0.03 4.51 -3.75
CA MET A 13 -0.92 5.21 -2.88
C MET A 13 -1.02 4.54 -1.53
N CYS A 14 -1.12 3.20 -1.56
CA CYS A 14 -1.07 2.40 -0.34
C CYS A 14 0.25 2.60 0.38
N TRP A 15 1.34 2.61 -0.43
CA TRP A 15 2.68 2.69 0.04
C TRP A 15 2.80 3.88 1.09
N LYS A 16 2.50 5.04 0.49
CA LYS A 16 2.53 6.24 1.29
C LYS A 16 1.51 6.18 2.42
N LYS A 17 0.58 5.12 2.28
CA LYS A 17 -0.48 5.23 3.32
C LYS A 17 -0.72 3.99 4.19
N CYS A 18 0.01 2.96 3.90
CA CYS A 18 0.57 2.01 4.87
C CYS A 18 1.47 2.78 5.80
N GLY A 19 2.05 3.89 5.24
CA GLY A 19 2.81 4.86 6.01
C GLY A 19 4.37 4.49 5.72
N LYS A 20 4.55 4.26 4.36
CA LYS A 20 5.05 2.95 3.91
C LYS A 20 5.40 2.77 2.49
N LYS A 21 4.87 1.71 1.81
CA LYS A 21 5.48 0.85 0.88
C LYS A 21 6.11 -0.42 1.55
N ALA A 1 -6.02 0.40 -7.96
CA ALA A 1 -7.42 0.38 -7.48
C ALA A 1 -7.49 -0.32 -6.13
N LEU A 2 -8.15 0.35 -5.17
CA LEU A 2 -8.29 -0.19 -3.84
C LEU A 2 -6.93 -0.37 -3.19
N CYS A 3 -6.85 -0.04 -1.90
CA CYS A 3 -5.58 -0.02 -1.19
C CYS A 3 -5.56 -1.12 -0.13
N ASN A 4 -4.67 -2.10 -0.36
CA ASN A 4 -4.71 -3.31 0.46
C ASN A 4 -3.48 -3.39 1.35
N CYS A 5 -3.65 -2.93 2.59
CA CYS A 5 -2.44 -2.59 3.37
C CYS A 5 -2.08 -3.77 4.27
N ASN A 6 -2.32 -4.95 3.68
CA ASN A 6 -1.75 -6.19 4.18
C ASN A 6 -0.67 -6.72 3.25
N ARG A 7 -0.72 -6.31 1.99
CA ARG A 7 0.51 -6.30 1.17
C ARG A 7 1.44 -5.22 1.74
N ILE A 8 2.74 -5.56 1.80
CA ILE A 8 3.72 -4.47 2.00
C ILE A 8 4.49 -4.28 0.69
N ILE A 9 3.82 -4.68 -0.39
CA ILE A 9 4.41 -4.62 -1.72
C ILE A 9 3.31 -4.16 -2.71
N ILE A 10 3.15 -2.84 -2.81
CA ILE A 10 1.80 -2.22 -2.87
C ILE A 10 1.77 -1.18 -3.97
N PRO A 11 0.54 -0.85 -4.46
CA PRO A 11 0.41 0.39 -5.22
C PRO A 11 0.80 1.59 -4.35
N HIS A 12 0.96 2.77 -4.98
CA HIS A 12 2.00 3.69 -4.49
C HIS A 12 1.53 4.60 -3.40
N MET A 13 0.55 5.47 -3.69
CA MET A 13 -0.12 6.24 -2.66
C MET A 13 -0.78 5.26 -1.63
N CYS A 14 -1.02 4.06 -2.18
CA CYS A 14 -1.45 2.94 -1.37
C CYS A 14 -0.41 2.61 -0.30
N TRP A 15 0.85 2.50 -0.78
CA TRP A 15 1.94 2.18 0.13
C TRP A 15 2.13 3.39 1.09
N LYS A 16 2.09 4.57 0.47
CA LYS A 16 2.59 5.76 1.14
C LYS A 16 1.77 6.02 2.43
N LYS A 17 0.54 5.40 2.38
CA LYS A 17 -0.28 5.43 3.58
C LYS A 17 -0.55 4.15 4.28
N CYS A 18 -0.53 2.99 3.64
CA CYS A 18 -0.28 1.69 4.21
C CYS A 18 0.88 1.76 5.25
N GLY A 19 1.95 2.41 4.78
CA GLY A 19 3.01 2.86 5.66
C GLY A 19 4.32 2.96 4.83
N LYS A 20 4.08 3.48 3.63
CA LYS A 20 5.06 3.51 2.55
C LYS A 20 5.80 2.24 2.30
N LYS A 21 5.13 1.28 1.65
CA LYS A 21 5.74 0.29 0.76
C LYS A 21 6.23 -0.89 1.59
N ALA A 1 -4.01 -1.52 -7.32
CA ALA A 1 -5.29 -1.04 -7.86
C ALA A 1 -6.29 -0.89 -6.73
N LEU A 2 -6.39 0.33 -6.20
CA LEU A 2 -6.97 0.55 -4.87
C LEU A 2 -6.16 -0.19 -3.81
N CYS A 3 -6.45 0.07 -2.54
CA CYS A 3 -5.45 -0.08 -1.48
C CYS A 3 -5.63 -1.45 -0.81
N ASN A 4 -4.47 -2.15 -0.81
CA ASN A 4 -4.22 -3.28 0.08
C ASN A 4 -2.83 -3.16 0.72
N CYS A 5 -2.84 -2.50 1.89
CA CYS A 5 -1.76 -2.64 2.86
C CYS A 5 -1.83 -4.01 3.54
N ASN A 6 -2.67 -4.85 2.95
CA ASN A 6 -2.67 -6.28 3.24
C ASN A 6 -1.51 -6.98 2.53
N ARG A 7 -1.26 -6.58 1.30
CA ARG A 7 0.01 -6.94 0.65
C ARG A 7 0.97 -5.74 0.82
N ILE A 8 2.19 -6.10 1.24
CA ILE A 8 3.14 -5.11 1.72
C ILE A 8 4.07 -4.66 0.58
N ILE A 9 4.28 -5.59 -0.35
CA ILE A 9 4.59 -5.24 -1.74
C ILE A 9 3.34 -4.63 -2.39
N ILE A 10 3.18 -3.32 -2.25
CA ILE A 10 1.81 -2.74 -2.17
C ILE A 10 1.60 -1.73 -3.27
N PRO A 11 0.30 -1.45 -3.61
CA PRO A 11 0.02 -0.29 -4.43
C PRO A 11 0.47 1.00 -3.73
N HIS A 12 0.50 2.11 -4.48
CA HIS A 12 1.55 3.12 -4.21
C HIS A 12 1.09 4.19 -3.27
N MET A 13 -0.05 4.81 -3.57
CA MET A 13 -0.72 5.67 -2.59
C MET A 13 -1.12 4.83 -1.37
N CYS A 14 -1.27 3.51 -1.66
CA CYS A 14 -1.45 2.53 -0.63
C CYS A 14 -0.24 2.50 0.31
N TRP A 15 0.94 2.36 -0.31
CA TRP A 15 2.14 2.31 0.50
C TRP A 15 2.31 3.63 1.28
N LYS A 16 2.10 4.73 0.55
CA LYS A 16 2.50 6.02 1.08
C LYS A 16 1.70 6.35 2.35
N LYS A 17 0.56 5.58 2.45
CA LYS A 17 -0.23 5.68 3.67
C LYS A 17 -0.39 4.50 4.55
N CYS A 18 -0.21 3.28 4.07
CA CYS A 18 0.30 2.11 4.79
C CYS A 18 1.44 2.53 5.75
N GLY A 19 2.34 3.31 5.13
CA GLY A 19 3.52 3.78 5.83
C GLY A 19 4.71 3.85 4.86
N LYS A 20 4.37 4.27 3.65
CA LYS A 20 5.26 4.27 2.50
C LYS A 20 6.11 3.06 2.32
N LYS A 21 5.49 1.95 1.83
CA LYS A 21 6.12 0.96 1.00
C LYS A 21 6.84 -0.10 1.85
N ALA A 1 -3.22 -2.96 -7.46
CA ALA A 1 -3.95 -1.68 -7.58
C ALA A 1 -5.09 -1.65 -6.58
N LEU A 2 -5.56 -0.44 -6.28
CA LEU A 2 -6.38 -0.19 -5.10
C LEU A 2 -5.61 -0.55 -3.84
N CYS A 3 -6.20 -0.26 -2.67
CA CYS A 3 -5.41 0.06 -1.48
C CYS A 3 -5.65 -0.97 -0.37
N ASN A 4 -4.57 -1.76 -0.17
CA ASN A 4 -4.51 -2.66 0.96
C ASN A 4 -3.10 -2.56 1.61
N CYS A 5 -3.11 -2.19 2.88
CA CYS A 5 -1.98 -2.50 3.77
C CYS A 5 -2.02 -3.97 4.21
N ASN A 6 -2.87 -4.71 3.48
CA ASN A 6 -2.87 -6.17 3.56
C ASN A 6 -1.70 -6.75 2.76
N ARG A 7 -0.96 -5.84 2.12
CA ARG A 7 0.37 -6.12 1.62
C ARG A 7 1.38 -5.11 2.16
N ILE A 8 2.65 -5.33 1.82
CA ILE A 8 3.65 -4.26 1.89
C ILE A 8 4.57 -4.34 0.68
N ILE A 9 4.05 -4.89 -0.40
CA ILE A 9 4.63 -4.66 -1.73
C ILE A 9 3.49 -4.27 -2.70
N ILE A 10 3.29 -2.95 -2.85
CA ILE A 10 1.90 -2.41 -2.94
C ILE A 10 1.92 -1.22 -3.88
N PRO A 11 0.75 -0.97 -4.55
CA PRO A 11 0.68 0.24 -5.37
C PRO A 11 0.72 1.46 -4.44
N HIS A 12 0.99 2.66 -5.00
CA HIS A 12 1.96 3.58 -4.39
C HIS A 12 1.39 4.42 -3.29
N MET A 13 0.37 5.23 -3.59
CA MET A 13 -0.38 5.95 -2.57
C MET A 13 -0.97 4.96 -1.56
N CYS A 14 -0.98 3.69 -2.01
CA CYS A 14 -1.54 2.62 -1.21
C CYS A 14 -0.54 2.05 -0.22
N TRP A 15 0.73 2.02 -0.69
CA TRP A 15 1.87 1.96 0.20
C TRP A 15 1.84 3.18 1.16
N LYS A 16 1.90 4.36 0.54
CA LYS A 16 2.34 5.55 1.23
C LYS A 16 1.51 5.81 2.49
N LYS A 17 0.32 5.11 2.47
CA LYS A 17 -0.55 5.15 3.62
C LYS A 17 -0.76 3.93 4.44
N CYS A 18 -0.47 2.73 3.94
CA CYS A 18 0.03 1.58 4.68
C CYS A 18 1.14 2.04 5.67
N GLY A 19 2.11 2.72 5.02
CA GLY A 19 3.37 3.02 5.69
C GLY A 19 4.49 3.16 4.66
N LYS A 20 4.07 3.62 3.48
CA LYS A 20 4.95 3.80 2.35
C LYS A 20 5.89 2.67 2.06
N LYS A 21 5.35 1.52 1.62
CA LYS A 21 5.98 0.67 0.61
C LYS A 21 6.93 -0.34 1.26
N ALA A 1 -10.73 -1.95 -7.51
CA ALA A 1 -9.37 -2.15 -6.97
C ALA A 1 -8.94 -0.91 -6.18
N LEU A 2 -9.16 -0.96 -4.87
CA LEU A 2 -8.68 0.06 -3.97
C LEU A 2 -7.70 -0.53 -2.95
N CYS A 3 -7.30 0.26 -1.96
CA CYS A 3 -5.91 0.21 -1.45
C CYS A 3 -5.77 -0.79 -0.33
N ASN A 4 -4.53 -1.32 -0.22
CA ASN A 4 -4.30 -2.41 0.73
C ASN A 4 -2.93 -2.25 1.41
N CYS A 5 -2.96 -1.91 2.69
CA CYS A 5 -1.90 -2.30 3.62
C CYS A 5 -2.04 -3.79 3.99
N ASN A 6 -2.93 -4.45 3.25
CA ASN A 6 -2.94 -5.90 3.15
C ASN A 6 -1.61 -6.40 2.61
N ARG A 7 -0.83 -5.44 2.07
CA ARG A 7 0.37 -5.88 1.31
C ARG A 7 1.45 -4.82 1.46
N ILE A 8 2.67 -5.33 1.74
CA ILE A 8 3.79 -4.45 2.03
C ILE A 8 4.82 -4.54 0.90
N ILE A 9 4.33 -4.92 -0.28
CA ILE A 9 5.00 -4.57 -1.54
C ILE A 9 3.91 -4.22 -2.58
N ILE A 10 3.59 -2.92 -2.67
CA ILE A 10 2.16 -2.53 -2.82
C ILE A 10 2.02 -1.47 -3.87
N PRO A 11 0.78 -1.27 -4.38
CA PRO A 11 0.51 -0.06 -5.15
C PRO A 11 0.70 1.18 -4.27
N HIS A 12 0.74 2.38 -4.89
CA HIS A 12 1.73 3.38 -4.43
C HIS A 12 1.22 4.20 -3.29
N MET A 13 0.13 4.95 -3.50
CA MET A 13 -0.57 5.60 -2.39
C MET A 13 -1.08 4.54 -1.40
N CYS A 14 -1.07 3.28 -1.90
CA CYS A 14 -1.55 2.17 -1.11
C CYS A 14 -0.51 1.76 -0.06
N TRP A 15 0.75 1.82 -0.54
CA TRP A 15 1.89 1.89 0.35
C TRP A 15 1.77 3.16 1.23
N LYS A 16 1.83 4.32 0.58
CA LYS A 16 2.29 5.55 1.21
C LYS A 16 1.50 5.83 2.50
N LYS A 17 0.32 5.10 2.55
CA LYS A 17 -0.49 5.16 3.74
C LYS A 17 -0.75 3.91 4.52
N CYS A 18 -0.36 2.75 4.02
CA CYS A 18 0.15 1.61 4.78
C CYS A 18 1.26 2.14 5.75
N GLY A 19 2.18 2.89 5.10
CA GLY A 19 3.54 3.04 5.61
C GLY A 19 4.52 2.89 4.44
N LYS A 20 4.24 3.65 3.38
CA LYS A 20 5.13 3.83 2.26
C LYS A 20 6.15 2.80 1.92
N LYS A 21 6.00 2.17 0.74
CA LYS A 21 6.28 0.78 0.47
C LYS A 21 6.10 -0.15 1.65
N ALA A 1 -11.61 -4.67 -2.83
CA ALA A 1 -10.64 -4.16 -3.82
C ALA A 1 -10.08 -2.84 -3.34
N LEU A 2 -9.26 -2.22 -4.19
CA LEU A 2 -8.53 -1.02 -3.82
C LEU A 2 -7.59 -1.31 -2.64
N CYS A 3 -7.08 -0.24 -2.03
CA CYS A 3 -5.77 -0.25 -1.39
C CYS A 3 -5.59 -1.39 -0.42
N ASN A 4 -4.42 -2.05 -0.56
CA ASN A 4 -4.12 -3.22 0.27
C ASN A 4 -2.80 -3.02 1.00
N CYS A 5 -2.87 -2.41 2.19
CA CYS A 5 -1.83 -2.60 3.20
C CYS A 5 -1.92 -4.00 3.81
N ASN A 6 -2.76 -4.81 3.16
CA ASN A 6 -2.81 -6.25 3.43
C ASN A 6 -1.62 -6.96 2.80
N ARG A 7 -0.83 -6.18 2.06
CA ARG A 7 0.34 -6.73 1.40
C ARG A 7 1.38 -5.59 1.21
N ILE A 8 2.61 -5.94 1.62
CA ILE A 8 3.66 -4.95 1.76
C ILE A 8 4.47 -4.81 0.47
N ILE A 9 4.02 -5.50 -0.58
CA ILE A 9 4.30 -5.11 -1.96
C ILE A 9 3.06 -4.47 -2.56
N ILE A 10 3.02 -3.13 -2.55
CA ILE A 10 1.70 -2.42 -2.52
C ILE A 10 1.71 -1.34 -3.57
N PRO A 11 0.52 -1.06 -4.17
CA PRO A 11 0.45 0.09 -5.07
C PRO A 11 0.62 1.38 -4.26
N HIS A 12 0.80 2.52 -4.93
CA HIS A 12 1.84 3.48 -4.47
C HIS A 12 1.37 4.45 -3.44
N MET A 13 0.23 5.10 -3.66
CA MET A 13 -0.44 5.85 -2.59
C MET A 13 -0.84 4.87 -1.47
N CYS A 14 -1.06 3.62 -1.93
CA CYS A 14 -1.50 2.57 -1.02
C CYS A 14 -0.40 2.21 -0.03
N TRP A 15 0.84 2.25 -0.59
CA TRP A 15 2.03 2.23 0.23
C TRP A 15 2.04 3.48 1.14
N LYS A 16 2.11 4.64 0.50
CA LYS A 16 2.56 5.85 1.16
C LYS A 16 1.75 6.13 2.43
N LYS A 17 0.57 5.42 2.48
CA LYS A 17 -0.28 5.59 3.64
C LYS A 17 -0.58 4.41 4.51
N CYS A 18 -0.38 3.18 4.07
CA CYS A 18 0.12 2.04 4.84
C CYS A 18 1.23 2.48 5.80
N GLY A 19 2.14 3.28 5.21
CA GLY A 19 3.32 3.72 5.93
C GLY A 19 4.52 3.72 4.95
N LYS A 20 4.16 4.08 3.72
CA LYS A 20 5.02 3.98 2.56
C LYS A 20 5.83 2.73 2.44
N LYS A 21 5.24 1.73 1.72
CA LYS A 21 5.96 0.81 0.88
C LYS A 21 6.60 -0.30 1.73
N ALA A 1 -10.46 -3.16 -7.47
CA ALA A 1 -9.31 -3.27 -6.54
C ALA A 1 -9.22 -2.00 -5.69
N LEU A 2 -8.99 -2.21 -4.39
CA LEU A 2 -8.79 -1.09 -3.47
C LEU A 2 -7.55 -1.33 -2.62
N CYS A 3 -7.14 -0.28 -1.91
CA CYS A 3 -5.77 -0.16 -1.44
C CYS A 3 -5.48 -1.22 -0.37
N ASN A 4 -4.27 -1.79 -0.48
CA ASN A 4 -3.89 -2.85 0.46
C ASN A 4 -2.50 -2.56 1.05
N CYS A 5 -2.52 -2.01 2.27
CA CYS A 5 -1.48 -2.27 3.27
C CYS A 5 -1.45 -3.75 3.62
N ASN A 6 -2.43 -4.48 3.06
CA ASN A 6 -2.59 -5.88 3.43
C ASN A 6 -1.90 -6.80 2.44
N ARG A 7 -1.42 -6.23 1.33
CA ARG A 7 -0.35 -6.88 0.55
C ARG A 7 0.88 -5.93 0.59
N ILE A 8 1.96 -6.49 1.17
CA ILE A 8 3.01 -5.70 1.78
C ILE A 8 4.02 -5.25 0.73
N ILE A 9 4.00 -5.90 -0.43
CA ILE A 9 4.48 -5.27 -1.66
C ILE A 9 3.30 -4.54 -2.32
N ILE A 10 3.33 -3.20 -2.21
CA ILE A 10 2.06 -2.43 -2.08
C ILE A 10 1.99 -1.40 -3.19
N PRO A 11 0.77 -1.17 -3.74
CA PRO A 11 0.65 -0.12 -4.75
C PRO A 11 0.78 1.24 -4.08
N HIS A 12 0.67 2.33 -4.85
CA HIS A 12 1.58 3.50 -4.61
C HIS A 12 1.10 4.34 -3.49
N MET A 13 0.00 5.07 -3.67
CA MET A 13 -0.67 5.78 -2.58
C MET A 13 -1.04 4.78 -1.47
N CYS A 14 -1.03 3.50 -1.89
CA CYS A 14 -1.46 2.43 -1.00
C CYS A 14 -0.40 2.10 0.03
N TRP A 15 0.86 2.11 -0.45
CA TRP A 15 2.01 2.12 0.42
C TRP A 15 1.99 3.41 1.27
N LYS A 16 1.91 4.54 0.56
CA LYS A 16 2.28 5.82 1.14
C LYS A 16 1.46 6.10 2.40
N LYS A 17 0.36 5.29 2.50
CA LYS A 17 -0.48 5.39 3.67
C LYS A 17 -0.71 4.18 4.52
N CYS A 18 -0.33 2.99 4.08
CA CYS A 18 0.26 1.91 4.87
C CYS A 18 1.30 2.49 5.85
N GLY A 19 2.17 3.30 5.22
CA GLY A 19 3.37 3.78 5.89
C GLY A 19 4.53 3.86 4.89
N LYS A 20 4.18 4.31 3.70
CA LYS A 20 5.00 4.27 2.53
C LYS A 20 5.94 3.13 2.35
N LYS A 21 5.44 1.97 1.87
CA LYS A 21 6.10 1.17 0.83
C LYS A 21 7.14 0.23 1.44
#